data_1GTR
#
_entry.id   1GTR
#
_cell.length_a   242.800
_cell.length_b   94.300
_cell.length_c   115.800
_cell.angle_alpha   90.00
_cell.angle_beta   90.00
_cell.angle_gamma   90.00
#
_symmetry.space_group_name_H-M   'C 2 2 21'
#
loop_
_entity.id
_entity.type
_entity.pdbx_description
1 polymer 'RNA (74-MER)'
2 polymer 'GLUTAMINYL-tRNA SYNTHETASE'
3 non-polymer "ADENOSINE-5'-TRIPHOSPHATE"
4 water water
#
loop_
_entity_poly.entity_id
_entity_poly.type
_entity_poly.pdbx_seq_one_letter_code
_entity_poly.pdbx_strand_id
1 'polyribonucleotide' GGGGUAUCGCCAAGCGGUAAGGCACCGGAUUCUGAUUCCGGCAUUCCGAGGUUCGAAUCCUCGUACCCCAGCCA B
2 'polypeptide(L)'
;SEAEARPTNFIRQIIDEDLASGKHTTVHTRFPPEPNGYLHIGHAKSICLNFGIAQDYKGQCNLRFDDTNPVKEDIEYVES
IKNDVEWLGFHWSGNVRYSSDYFDQLHAYAIELINKGLAYVDELTPEQIREYRGTLTQPGKNSPYRDRSVEENLALFEKM
RAGGFEEGKACLRAKIDMASPFIVMRDPVLYRIKFAEHHQTGNKWCIYPMYDFTHCISDALEGITHSLCTLEFQDNRRLY
DWVLDNITIPVHPRQYEFSRLNLEYTVMSKRKLNLLVTDKHVEGWDDPRMPTISGLRRRGYTAASIREFCKRIGVTKQDN
TIEMASLESCIREDLNENAPRAMAVIDPVKLVIENYQGEGEMVTMPNHPNKPEMGSRQVPFSGEIWIDRADFREEANKQY
KRLVLGKEVRLRNAYVIKAERVEKDAEGNITTIFCTYDADTLSKDPADGRKVKGVIHWVSAAHALPVEIRLYDRLFSVPN
PGAADDFLSVINPESLVIKQGFAEPSLKDAVAGKAFQFEREGYFCLDSRHSTAEKPVFNRTVGLRDTWAKVGE
;
A
#
# COMPACT_ATOMS: atom_id res chain seq x y z
N THR B 8 14.33 -0.93 18.19
CA THR B 8 15.32 0.12 18.00
C THR B 8 15.98 0.06 16.62
N ASN B 9 16.40 1.24 16.18
CA ASN B 9 17.10 1.41 14.91
C ASN B 9 17.98 2.64 14.99
N PHE B 10 18.69 3.03 13.92
CA PHE B 10 19.60 4.16 14.02
C PHE B 10 18.92 5.47 14.34
N ILE B 11 17.68 5.69 13.87
CA ILE B 11 16.98 6.93 14.13
C ILE B 11 16.53 7.00 15.59
N ARG B 12 16.15 5.87 16.19
CA ARG B 12 15.72 5.90 17.59
C ARG B 12 16.90 6.07 18.53
N GLN B 13 18.08 5.60 18.12
CA GLN B 13 19.29 5.82 18.88
C GLN B 13 19.68 7.29 18.81
N ILE B 14 19.43 7.97 17.68
CA ILE B 14 19.67 9.40 17.53
C ILE B 14 18.73 10.19 18.45
N ILE B 15 17.45 9.81 18.48
CA ILE B 15 16.46 10.50 19.31
C ILE B 15 16.74 10.31 20.78
N ASP B 16 17.25 9.13 21.19
CA ASP B 16 17.62 8.90 22.58
C ASP B 16 18.79 9.78 22.99
N GLU B 17 19.78 9.94 22.11
CA GLU B 17 20.94 10.80 22.38
C GLU B 17 20.53 12.25 22.50
N ASP B 18 19.52 12.67 21.71
CA ASP B 18 19.05 14.05 21.72
C ASP B 18 18.31 14.43 22.98
N LEU B 19 17.54 13.48 23.50
CA LEU B 19 16.81 13.69 24.73
C LEU B 19 17.76 13.64 25.92
N ALA B 20 18.72 12.70 25.87
CA ALA B 20 19.68 12.51 26.93
C ALA B 20 20.58 13.73 27.10
N SER B 21 21.08 14.25 25.99
CA SER B 21 21.94 15.42 25.97
C SER B 21 21.18 16.68 26.34
N GLY B 22 19.85 16.64 26.20
CA GLY B 22 19.04 17.81 26.49
C GLY B 22 18.80 18.68 25.27
N LYS B 23 19.17 18.22 24.06
CA LYS B 23 18.91 18.97 22.84
C LYS B 23 17.41 19.14 22.63
N HIS B 24 16.62 18.14 22.98
CA HIS B 24 15.17 18.23 22.93
C HIS B 24 14.56 17.70 24.20
N THR B 25 13.29 18.04 24.39
CA THR B 25 12.52 17.53 25.51
C THR B 25 11.36 16.71 24.97
N THR B 26 10.97 16.98 23.71
CA THR B 26 9.87 16.27 23.06
C THR B 26 10.29 15.88 21.65
N VAL B 27 9.65 14.84 21.07
CA VAL B 27 9.86 14.58 19.66
C VAL B 27 8.60 14.94 18.90
N HIS B 28 8.79 15.61 17.78
CA HIS B 28 7.69 15.97 16.90
C HIS B 28 8.12 15.61 15.48
N THR B 29 7.42 14.63 14.90
CA THR B 29 7.68 14.16 13.56
C THR B 29 6.54 14.51 12.62
N ARG B 30 6.65 14.13 11.34
CA ARG B 30 5.52 14.28 10.43
C ARG B 30 5.58 13.27 9.30
N PHE B 31 4.42 12.99 8.74
CA PHE B 31 4.30 12.20 7.53
C PHE B 31 3.83 13.21 6.50
N PRO B 32 4.62 13.51 5.45
CA PRO B 32 4.23 14.50 4.46
C PRO B 32 3.97 13.99 3.05
N PRO B 33 2.85 13.30 2.82
CA PRO B 33 2.59 12.79 1.49
C PRO B 33 2.08 13.86 0.54
N GLU B 34 2.55 13.83 -0.70
CA GLU B 34 1.97 14.69 -1.73
C GLU B 34 0.69 13.99 -2.16
N PRO B 35 -0.44 14.71 -2.29
CA PRO B 35 -1.69 14.08 -2.72
C PRO B 35 -1.79 13.89 -4.23
N ASN B 36 -0.86 13.11 -4.81
CA ASN B 36 -0.83 12.82 -6.23
C ASN B 36 -1.08 11.34 -6.53
N GLY B 37 -1.72 10.67 -5.58
CA GLY B 37 -1.99 9.26 -5.73
C GLY B 37 -2.43 8.67 -4.42
N TYR B 38 -2.70 7.37 -4.45
CA TYR B 38 -3.05 6.66 -3.24
C TYR B 38 -1.79 6.16 -2.55
N LEU B 39 -1.92 6.02 -1.24
CA LEU B 39 -0.87 5.54 -0.38
C LEU B 39 -0.60 4.07 -0.62
N HIS B 40 0.64 3.59 -0.43
CA HIS B 40 0.95 2.19 -0.58
C HIS B 40 1.74 1.62 0.58
N ILE B 41 2.15 0.35 0.50
CA ILE B 41 2.86 -0.31 1.60
C ILE B 41 4.20 0.36 1.95
N GLY B 42 4.84 1.00 0.98
CA GLY B 42 6.06 1.76 1.22
C GLY B 42 5.77 2.97 2.10
N HIS B 43 4.66 3.67 1.81
CA HIS B 43 4.20 4.79 2.61
C HIS B 43 3.84 4.35 4.01
N ALA B 44 3.36 3.11 4.17
CA ALA B 44 3.03 2.55 5.47
C ALA B 44 4.27 2.37 6.32
N LYS B 45 5.43 2.14 5.70
CA LYS B 45 6.69 2.04 6.43
C LYS B 45 7.08 3.40 7.00
N SER B 46 6.73 4.48 6.28
CA SER B 46 7.01 5.83 6.75
C SER B 46 5.99 6.27 7.81
N ILE B 47 4.72 5.84 7.70
CA ILE B 47 3.67 6.11 8.68
C ILE B 47 4.00 5.40 10.00
N CYS B 48 4.35 4.11 9.95
CA CYS B 48 4.70 3.36 11.15
C CYS B 48 5.90 3.93 11.86
N LEU B 49 6.85 4.49 11.08
CA LEU B 49 8.06 5.08 11.64
C LEU B 49 7.73 6.41 12.33
N ASN B 50 7.11 7.33 11.59
CA ASN B 50 6.85 8.64 12.10
C ASN B 50 5.81 8.71 13.21
N PHE B 51 4.66 8.04 13.06
CA PHE B 51 3.65 8.03 14.10
C PHE B 51 4.02 7.08 15.23
N GLY B 52 4.75 6.00 14.93
CA GLY B 52 5.19 5.06 15.94
C GLY B 52 6.18 5.70 16.91
N ILE B 53 7.14 6.48 16.40
CA ILE B 53 8.09 7.19 17.25
C ILE B 53 7.33 8.20 18.10
N ALA B 54 6.41 8.94 17.50
CA ALA B 54 5.64 9.93 18.21
C ALA B 54 4.86 9.35 19.38
N GLN B 55 4.28 8.14 19.27
CA GLN B 55 3.53 7.61 20.40
C GLN B 55 4.38 6.86 21.40
N ASP B 56 5.51 6.28 20.97
CA ASP B 56 6.42 5.61 21.89
C ASP B 56 7.14 6.62 22.78
N TYR B 57 7.44 7.80 22.27
CA TYR B 57 8.12 8.82 23.04
C TYR B 57 7.17 9.87 23.60
N LYS B 58 5.85 9.61 23.52
CA LYS B 58 4.81 10.53 23.96
C LYS B 58 4.94 11.93 23.36
N GLY B 59 5.37 11.97 22.10
CA GLY B 59 5.46 13.18 21.31
C GLY B 59 4.29 13.34 20.36
N GLN B 60 4.47 14.15 19.33
CA GLN B 60 3.40 14.42 18.38
C GLN B 60 3.84 14.12 16.96
N CYS B 61 2.88 13.84 16.07
CA CYS B 61 3.17 13.59 14.67
C CYS B 61 2.11 14.21 13.80
N ASN B 62 2.51 15.12 12.89
CA ASN B 62 1.56 15.83 12.05
C ASN B 62 1.31 15.15 10.73
N LEU B 63 0.06 15.18 10.27
CA LEU B 63 -0.19 14.79 8.89
C LEU B 63 -0.10 16.08 8.13
N ARG B 64 0.77 16.15 7.12
CA ARG B 64 0.88 17.34 6.32
C ARG B 64 0.84 16.98 4.85
N PHE B 65 -0.17 17.46 4.12
CA PHE B 65 -0.22 17.24 2.69
C PHE B 65 0.73 18.20 2.02
N ASP B 66 1.77 17.65 1.40
CA ASP B 66 2.77 18.44 0.72
C ASP B 66 2.29 18.80 -0.67
N ASP B 67 1.38 19.78 -0.70
CA ASP B 67 0.68 20.16 -1.91
C ASP B 67 1.22 21.36 -2.66
N THR B 68 2.48 21.29 -3.11
CA THR B 68 3.09 22.42 -3.79
C THR B 68 3.02 22.40 -5.31
N ASN B 69 2.38 21.39 -5.90
CA ASN B 69 2.30 21.28 -7.34
C ASN B 69 0.88 20.89 -7.74
N PRO B 70 0.01 21.89 -7.92
CA PRO B 70 -1.39 21.67 -8.28
C PRO B 70 -1.72 20.78 -9.48
N VAL B 71 -0.94 20.84 -10.56
CA VAL B 71 -1.24 20.08 -11.79
C VAL B 71 -1.13 18.56 -11.63
N LYS B 72 -0.51 18.10 -10.55
CA LYS B 72 -0.35 16.68 -10.30
C LYS B 72 -1.24 16.16 -9.19
N GLU B 73 -1.83 17.05 -8.38
CA GLU B 73 -2.62 16.67 -7.21
C GLU B 73 -4.11 16.80 -7.38
N ASP B 74 -4.89 16.10 -6.54
CA ASP B 74 -6.34 16.18 -6.60
C ASP B 74 -6.94 15.91 -5.23
N ILE B 75 -8.12 16.49 -4.97
CA ILE B 75 -8.79 16.37 -3.67
C ILE B 75 -9.20 14.95 -3.32
N GLU B 76 -9.39 14.06 -4.31
CA GLU B 76 -9.73 12.66 -4.07
C GLU B 76 -8.64 11.99 -3.28
N TYR B 77 -7.40 12.38 -3.59
CA TYR B 77 -6.26 11.81 -2.93
C TYR B 77 -6.07 12.32 -1.52
N VAL B 78 -6.45 13.57 -1.18
CA VAL B 78 -6.29 13.98 0.22
C VAL B 78 -7.33 13.26 1.07
N GLU B 79 -8.54 13.01 0.52
CA GLU B 79 -9.59 12.28 1.23
C GLU B 79 -9.17 10.84 1.50
N SER B 80 -8.54 10.17 0.52
CA SER B 80 -8.14 8.79 0.66
C SER B 80 -6.92 8.57 1.53
N ILE B 81 -5.95 9.49 1.51
CA ILE B 81 -4.77 9.38 2.36
C ILE B 81 -5.16 9.49 3.82
N LYS B 82 -6.07 10.42 4.18
CA LYS B 82 -6.59 10.55 5.54
C LYS B 82 -7.29 9.29 6.02
N ASN B 83 -7.99 8.64 5.08
CA ASN B 83 -8.69 7.39 5.32
C ASN B 83 -7.73 6.25 5.64
N ASP B 84 -6.63 6.10 4.88
CA ASP B 84 -5.69 5.02 5.11
C ASP B 84 -4.81 5.20 6.35
N VAL B 85 -4.40 6.43 6.68
CA VAL B 85 -3.60 6.70 7.87
C VAL B 85 -4.37 6.30 9.14
N GLU B 86 -5.67 6.65 9.19
CA GLU B 86 -6.54 6.24 10.29
C GLU B 86 -6.79 4.73 10.34
N TRP B 87 -6.97 4.11 9.16
CA TRP B 87 -7.22 2.67 9.07
C TRP B 87 -6.09 1.87 9.66
N LEU B 88 -4.84 2.33 9.45
CA LEU B 88 -3.68 1.67 10.02
C LEU B 88 -3.64 1.77 11.54
N GLY B 89 -4.39 2.72 12.10
CA GLY B 89 -4.52 2.85 13.53
C GLY B 89 -3.67 3.96 14.09
N PHE B 90 -3.50 5.02 13.31
CA PHE B 90 -2.70 6.15 13.72
C PHE B 90 -3.47 7.46 13.67
N HIS B 91 -3.14 8.34 14.61
CA HIS B 91 -3.79 9.63 14.71
C HIS B 91 -2.77 10.76 14.65
N TRP B 92 -3.11 11.81 13.91
CA TRP B 92 -2.24 12.95 13.76
C TRP B 92 -2.47 14.03 14.80
N SER B 93 -1.48 14.89 14.94
CA SER B 93 -1.48 15.96 15.92
C SER B 93 -2.21 17.18 15.43
N GLY B 94 -3.27 17.53 16.16
CA GLY B 94 -4.08 18.69 15.82
C GLY B 94 -4.80 18.49 14.50
N ASN B 95 -5.04 19.57 13.79
CA ASN B 95 -5.70 19.48 12.49
C ASN B 95 -4.76 18.99 11.41
N VAL B 96 -5.34 18.52 10.30
CA VAL B 96 -4.57 18.16 9.13
C VAL B 96 -3.88 19.42 8.63
N ARG B 97 -2.59 19.32 8.34
CA ARG B 97 -1.84 20.47 7.85
C ARG B 97 -1.64 20.36 6.36
N TYR B 98 -1.35 21.50 5.74
CA TYR B 98 -1.09 21.57 4.31
C TYR B 98 0.07 22.54 4.08
N SER B 99 0.94 22.27 3.09
CA SER B 99 2.00 23.21 2.75
C SER B 99 1.40 24.50 2.21
N SER B 100 0.21 24.40 1.59
CA SER B 100 -0.51 25.55 1.10
C SER B 100 -1.04 26.46 2.20
N ASP B 101 -1.09 25.98 3.45
CA ASP B 101 -1.45 26.85 4.58
C ASP B 101 -0.34 27.85 4.83
N TYR B 102 0.87 27.55 4.32
CA TYR B 102 2.03 28.39 4.53
C TYR B 102 2.41 29.16 3.29
N PHE B 103 1.54 29.25 2.26
CA PHE B 103 1.91 29.95 1.04
C PHE B 103 2.18 31.43 1.22
N ASP B 104 1.46 32.15 2.10
CA ASP B 104 1.73 33.55 2.36
C ASP B 104 3.04 33.75 3.14
N GLN B 105 3.37 32.73 3.93
CA GLN B 105 4.56 32.69 4.78
C GLN B 105 5.80 32.45 3.95
N LEU B 106 5.66 31.53 2.99
CA LEU B 106 6.72 31.17 2.08
C LEU B 106 7.05 32.30 1.12
N HIS B 107 6.03 33.07 0.71
CA HIS B 107 6.22 34.24 -0.13
C HIS B 107 6.99 35.33 0.62
N ALA B 108 6.68 35.49 1.92
CA ALA B 108 7.35 36.46 2.76
C ALA B 108 8.82 36.09 2.96
N TYR B 109 9.11 34.80 3.10
CA TYR B 109 10.48 34.35 3.24
C TYR B 109 11.26 34.43 1.95
N ALA B 110 10.57 34.36 0.79
CA ALA B 110 11.19 34.55 -0.50
C ALA B 110 11.63 36.01 -0.63
N ILE B 111 10.78 36.97 -0.21
CA ILE B 111 11.11 38.38 -0.23
C ILE B 111 12.27 38.68 0.72
N GLU B 112 12.40 37.96 1.84
CA GLU B 112 13.53 38.12 2.75
C GLU B 112 14.86 37.71 2.09
N LEU B 113 14.81 36.63 1.30
CA LEU B 113 15.98 36.17 0.55
C LEU B 113 16.36 37.17 -0.52
N ILE B 114 15.37 37.78 -1.21
CA ILE B 114 15.64 38.79 -2.22
C ILE B 114 16.26 40.03 -1.59
N ASN B 115 15.75 40.51 -0.44
CA ASN B 115 16.31 41.67 0.23
C ASN B 115 17.73 41.44 0.71
N LYS B 116 18.12 40.19 0.93
CA LYS B 116 19.48 39.86 1.32
C LYS B 116 20.39 39.58 0.13
N GLY B 117 19.84 39.59 -1.09
CA GLY B 117 20.59 39.31 -2.29
C GLY B 117 20.87 37.84 -2.52
N LEU B 118 20.23 36.95 -1.74
CA LEU B 118 20.43 35.51 -1.87
C LEU B 118 19.37 34.86 -2.75
N ALA B 119 18.67 35.65 -3.56
CA ALA B 119 17.69 35.15 -4.50
C ALA B 119 17.44 36.18 -5.61
N TYR B 120 17.08 35.73 -6.81
CA TYR B 120 16.88 36.65 -7.93
C TYR B 120 15.89 36.09 -8.94
N VAL B 121 15.30 36.93 -9.78
CA VAL B 121 14.41 36.46 -10.82
C VAL B 121 15.25 36.20 -12.06
N ASP B 122 15.32 34.92 -12.45
CA ASP B 122 16.05 34.50 -13.63
C ASP B 122 15.08 34.34 -14.78
N GLU B 123 15.52 34.69 -16.00
CA GLU B 123 14.69 34.59 -17.19
C GLU B 123 15.22 33.63 -18.23
N LEU B 124 16.16 32.78 -17.84
CA LEU B 124 16.64 31.70 -18.69
C LEU B 124 15.46 30.77 -18.95
N THR B 125 15.21 30.35 -20.20
CA THR B 125 14.10 29.46 -20.54
C THR B 125 14.24 28.09 -19.87
N PRO B 126 13.20 27.24 -19.82
CA PRO B 126 13.34 25.92 -19.19
C PRO B 126 14.42 25.02 -19.76
N GLU B 127 14.81 25.20 -21.04
CA GLU B 127 15.89 24.39 -21.59
C GLU B 127 17.24 25.00 -21.29
N GLN B 128 17.30 26.35 -21.22
CA GLN B 128 18.53 27.06 -20.94
C GLN B 128 19.02 26.89 -19.52
N ILE B 129 18.13 26.79 -18.51
CA ILE B 129 18.56 26.57 -17.15
C ILE B 129 19.30 25.24 -17.01
N ARG B 130 18.90 24.23 -17.80
CA ARG B 130 19.56 22.92 -17.79
C ARG B 130 20.94 23.04 -18.44
N GLU B 131 21.04 23.77 -19.55
CA GLU B 131 22.31 24.03 -20.24
C GLU B 131 23.32 24.70 -19.34
N TYR B 132 22.87 25.71 -18.58
CA TYR B 132 23.73 26.45 -17.68
C TYR B 132 24.03 25.73 -16.36
N ARG B 133 23.31 24.65 -16.02
CA ARG B 133 23.50 23.99 -14.74
C ARG B 133 24.74 23.13 -14.65
N GLY B 134 25.42 22.88 -15.76
CA GLY B 134 26.58 21.99 -15.77
C GLY B 134 26.14 20.53 -15.79
N THR B 135 27.05 19.62 -15.53
CA THR B 135 26.73 18.20 -15.52
C THR B 135 27.20 17.58 -14.22
N LEU B 136 27.22 16.24 -14.10
CA LEU B 136 27.75 15.62 -12.89
C LEU B 136 29.27 15.80 -12.79
N THR B 137 29.98 16.03 -13.90
CA THR B 137 31.43 16.18 -13.87
C THR B 137 31.90 17.61 -14.15
N GLN B 138 31.08 18.42 -14.82
CA GLN B 138 31.41 19.81 -15.13
C GLN B 138 30.59 20.78 -14.29
N PRO B 139 31.21 21.87 -13.82
CA PRO B 139 30.49 22.86 -13.04
C PRO B 139 29.60 23.70 -13.94
N GLY B 140 28.56 24.32 -13.38
CA GLY B 140 27.68 25.18 -14.14
C GLY B 140 28.26 26.57 -14.34
N LYS B 141 27.39 27.46 -14.83
CA LYS B 141 27.78 28.81 -15.10
C LYS B 141 26.65 29.77 -14.77
N ASN B 142 27.03 30.97 -14.34
CA ASN B 142 26.09 31.99 -13.93
C ASN B 142 25.19 32.53 -15.01
N SER B 143 23.92 32.63 -14.66
CA SER B 143 22.93 33.24 -15.54
C SER B 143 23.26 34.70 -15.79
N PRO B 144 22.94 35.23 -16.98
CA PRO B 144 23.22 36.65 -17.24
C PRO B 144 22.33 37.58 -16.44
N TYR B 145 21.28 37.06 -15.80
CA TYR B 145 20.36 37.84 -14.98
C TYR B 145 20.67 37.66 -13.49
N ARG B 146 21.76 36.98 -13.13
CA ARG B 146 22.07 36.67 -11.75
C ARG B 146 22.36 37.89 -10.87
N ASP B 147 22.89 38.97 -11.45
CA ASP B 147 23.26 40.12 -10.66
C ASP B 147 22.29 41.28 -10.68
N ARG B 148 20.98 41.05 -10.88
CA ARG B 148 20.01 42.14 -10.83
C ARG B 148 19.95 42.76 -9.43
N SER B 149 19.63 44.06 -9.33
CA SER B 149 19.55 44.71 -8.02
C SER B 149 18.39 44.16 -7.18
N VAL B 150 18.42 44.36 -5.86
CA VAL B 150 17.36 43.91 -4.96
C VAL B 150 16.03 44.54 -5.37
N GLU B 151 16.13 45.80 -5.77
CA GLU B 151 15.01 46.58 -6.22
C GLU B 151 14.43 46.02 -7.53
N GLU B 152 15.26 45.45 -8.40
CA GLU B 152 14.80 44.82 -9.64
C GLU B 152 14.16 43.47 -9.43
N ASN B 153 14.73 42.65 -8.53
CA ASN B 153 14.19 41.33 -8.25
C ASN B 153 12.86 41.40 -7.53
N LEU B 154 12.69 42.43 -6.70
CA LEU B 154 11.45 42.70 -6.00
C LEU B 154 10.35 43.05 -7.00
N ALA B 155 10.64 43.92 -7.97
CA ALA B 155 9.65 44.32 -8.97
C ALA B 155 9.26 43.17 -9.88
N LEU B 156 10.25 42.39 -10.32
CA LEU B 156 10.00 41.24 -11.19
C LEU B 156 9.33 40.06 -10.49
N PHE B 157 9.59 39.87 -9.20
CA PHE B 157 8.93 38.82 -8.43
C PHE B 157 7.48 39.20 -8.16
N GLU B 158 7.21 40.50 -7.93
CA GLU B 158 5.85 40.96 -7.76
C GLU B 158 5.08 40.81 -9.07
N LYS B 159 5.77 41.03 -10.20
CA LYS B 159 5.17 40.85 -11.52
C LYS B 159 4.88 39.38 -11.79
N MET B 160 5.71 38.49 -11.25
CA MET B 160 5.47 37.05 -11.33
C MET B 160 4.22 36.69 -10.58
N ARG B 161 4.09 37.21 -9.35
CA ARG B 161 2.96 36.96 -8.48
C ARG B 161 1.67 37.54 -9.06
N ALA B 162 1.77 38.66 -9.78
CA ALA B 162 0.63 39.31 -10.40
C ALA B 162 0.16 38.68 -11.71
N GLY B 163 0.94 37.74 -12.27
CA GLY B 163 0.55 37.03 -13.49
C GLY B 163 1.06 37.67 -14.78
N GLY B 164 1.97 38.65 -14.65
CA GLY B 164 2.53 39.38 -15.79
C GLY B 164 3.49 38.57 -16.64
N PHE B 165 3.96 37.42 -16.16
CA PHE B 165 4.83 36.55 -16.92
C PHE B 165 4.15 35.25 -17.28
N GLU B 166 4.38 34.77 -18.51
CA GLU B 166 3.87 33.47 -18.96
C GLU B 166 4.62 32.34 -18.27
N GLU B 167 4.05 31.13 -18.25
CA GLU B 167 4.70 29.98 -17.64
C GLU B 167 6.02 29.69 -18.29
N GLY B 168 7.06 29.55 -17.47
CA GLY B 168 8.40 29.26 -17.96
C GLY B 168 9.20 30.50 -18.33
N LYS B 169 8.58 31.68 -18.38
CA LYS B 169 9.30 32.87 -18.80
C LYS B 169 10.11 33.51 -17.71
N ALA B 170 9.93 33.06 -16.47
CA ALA B 170 10.69 33.55 -15.33
C ALA B 170 10.49 32.66 -14.12
N CYS B 171 11.49 32.62 -13.25
CA CYS B 171 11.38 31.86 -12.01
C CYS B 171 12.28 32.49 -10.96
N LEU B 172 12.00 32.29 -9.68
CA LEU B 172 12.87 32.81 -8.65
C LEU B 172 13.90 31.75 -8.35
N ARG B 173 15.15 32.14 -8.19
CA ARG B 173 16.23 31.20 -7.96
C ARG B 173 17.03 31.60 -6.73
N ALA B 174 17.59 30.63 -6.01
CA ALA B 174 18.46 30.96 -4.89
C ALA B 174 19.84 31.27 -5.43
N LYS B 175 20.51 32.29 -4.90
CA LYS B 175 21.85 32.60 -5.35
C LYS B 175 22.82 31.87 -4.44
N ILE B 176 23.20 30.64 -4.82
CA ILE B 176 24.15 29.89 -4.03
C ILE B 176 25.46 29.74 -4.78
N ASP B 177 25.74 28.62 -5.47
CA ASP B 177 27.00 28.44 -6.14
C ASP B 177 26.85 27.51 -7.33
N MET B 178 26.99 28.06 -8.53
CA MET B 178 26.87 27.28 -9.76
C MET B 178 27.98 26.28 -9.99
N ALA B 179 29.02 26.28 -9.16
CA ALA B 179 30.12 25.34 -9.30
C ALA B 179 30.17 24.30 -8.18
N SER B 180 29.12 24.26 -7.34
CA SER B 180 29.03 23.32 -6.24
C SER B 180 28.99 21.89 -6.70
N PRO B 181 29.59 20.95 -5.95
CA PRO B 181 29.55 19.54 -6.33
C PRO B 181 28.14 18.95 -6.15
N PHE B 182 27.34 19.60 -5.31
CA PHE B 182 25.94 19.23 -5.12
C PHE B 182 25.13 19.94 -6.19
N ILE B 183 24.54 19.19 -7.13
CA ILE B 183 23.74 19.81 -8.19
C ILE B 183 22.57 20.59 -7.61
N VAL B 184 22.02 20.19 -6.46
CA VAL B 184 20.88 20.88 -5.87
C VAL B 184 21.23 22.30 -5.34
N MET B 185 22.52 22.57 -5.08
CA MET B 185 22.98 23.88 -4.63
C MET B 185 23.38 24.79 -5.78
N ARG B 186 23.17 24.38 -7.03
CA ARG B 186 23.54 25.21 -8.18
C ARG B 186 22.37 26.08 -8.56
N ASP B 187 22.14 27.10 -7.72
CA ASP B 187 21.03 28.05 -7.85
C ASP B 187 19.67 27.39 -8.05
N PRO B 188 19.17 26.67 -7.04
CA PRO B 188 17.88 26.00 -7.16
C PRO B 188 16.69 26.91 -7.30
N VAL B 189 15.72 26.50 -8.10
CA VAL B 189 14.50 27.25 -8.25
C VAL B 189 13.70 27.16 -6.95
N LEU B 190 13.26 28.33 -6.51
CA LEU B 190 12.42 28.53 -5.34
C LEU B 190 10.96 28.64 -5.74
N TYR B 191 10.68 29.36 -6.84
CA TYR B 191 9.33 29.59 -7.32
C TYR B 191 9.23 29.44 -8.82
N ARG B 192 8.11 28.88 -9.30
CA ARG B 192 7.82 28.81 -10.71
C ARG B 192 6.36 29.13 -10.98
N ILE B 193 6.05 29.51 -12.22
CA ILE B 193 4.72 29.94 -12.60
C ILE B 193 3.86 28.81 -13.14
N LYS B 194 2.69 28.65 -12.52
CA LYS B 194 1.68 27.73 -12.96
C LYS B 194 0.34 28.42 -12.89
N PHE B 195 -0.28 28.71 -14.03
CA PHE B 195 -1.65 29.21 -14.05
C PHE B 195 -2.55 27.98 -14.01
N ALA B 196 -2.67 27.44 -12.80
CA ALA B 196 -3.45 26.25 -12.54
C ALA B 196 -4.14 26.41 -11.20
N GLU B 197 -5.38 25.93 -11.14
CA GLU B 197 -6.16 26.00 -9.91
C GLU B 197 -5.66 24.97 -8.91
N HIS B 198 -5.63 25.36 -7.64
CA HIS B 198 -5.17 24.49 -6.59
C HIS B 198 -6.36 23.98 -5.80
N HIS B 199 -6.34 22.70 -5.44
CA HIS B 199 -7.43 22.05 -4.71
C HIS B 199 -7.74 22.66 -3.34
N GLN B 200 -6.82 23.46 -2.79
CA GLN B 200 -7.01 24.13 -1.51
C GLN B 200 -7.12 25.63 -1.64
N THR B 201 -6.23 26.25 -2.42
CA THR B 201 -6.21 27.70 -2.51
C THR B 201 -6.84 28.27 -3.78
N GLY B 202 -7.55 27.46 -4.57
CA GLY B 202 -8.22 27.92 -5.79
C GLY B 202 -7.32 28.63 -6.80
N ASN B 203 -7.72 29.82 -7.20
CA ASN B 203 -6.93 30.61 -8.14
C ASN B 203 -6.24 31.81 -7.49
N LYS B 204 -6.01 31.76 -6.17
CA LYS B 204 -5.37 32.85 -5.44
C LYS B 204 -3.91 32.99 -5.85
N TRP B 205 -3.27 31.89 -6.20
CA TRP B 205 -1.86 31.90 -6.56
C TRP B 205 -1.58 31.38 -7.96
N CYS B 206 -0.74 32.11 -8.70
CA CYS B 206 -0.26 31.61 -9.97
C CYS B 206 1.23 31.35 -9.87
N ILE B 207 1.86 31.63 -8.70
CA ILE B 207 3.22 31.17 -8.45
C ILE B 207 3.16 30.14 -7.33
N TYR B 208 3.89 29.04 -7.49
CA TYR B 208 3.90 27.97 -6.50
C TYR B 208 5.33 27.64 -6.06
N PRO B 209 5.55 27.38 -4.76
CA PRO B 209 6.89 27.08 -4.26
C PRO B 209 7.34 25.67 -4.52
N MET B 210 8.64 25.50 -4.69
CA MET B 210 9.24 24.19 -4.91
C MET B 210 9.37 23.44 -3.60
N TYR B 211 9.55 22.12 -3.67
CA TYR B 211 9.66 21.27 -2.51
C TYR B 211 10.78 21.66 -1.55
N ASP B 212 12.01 21.90 -2.01
CA ASP B 212 13.13 22.19 -1.13
C ASP B 212 13.02 23.51 -0.39
N PHE B 213 12.30 24.47 -0.94
CA PHE B 213 12.05 25.71 -0.22
C PHE B 213 10.87 25.50 0.74
N THR B 214 9.85 24.73 0.33
CA THR B 214 8.66 24.58 1.15
C THR B 214 8.86 23.70 2.36
N HIS B 215 9.63 22.63 2.20
CA HIS B 215 9.67 21.58 3.19
C HIS B 215 10.38 21.93 4.47
N CYS B 216 11.53 22.61 4.38
CA CYS B 216 12.27 22.98 5.57
C CYS B 216 11.57 24.06 6.36
N ILE B 217 10.97 25.05 5.68
CA ILE B 217 10.25 26.10 6.37
C ILE B 217 8.96 25.57 7.00
N SER B 218 8.25 24.66 6.34
CA SER B 218 7.06 24.02 6.91
C SER B 218 7.42 23.19 8.14
N ASP B 219 8.57 22.49 8.13
CA ASP B 219 9.01 21.75 9.30
C ASP B 219 9.35 22.68 10.43
N ALA B 220 10.03 23.78 10.12
CA ALA B 220 10.43 24.75 11.12
C ALA B 220 9.25 25.42 11.79
N LEU B 221 8.22 25.80 11.03
CA LEU B 221 7.06 26.47 11.61
C LEU B 221 6.21 25.54 12.45
N GLU B 222 6.20 24.25 12.14
CA GLU B 222 5.44 23.28 12.91
C GLU B 222 6.19 22.77 14.12
N GLY B 223 7.48 23.13 14.25
CA GLY B 223 8.27 22.71 15.38
C GLY B 223 8.70 21.26 15.28
N ILE B 224 8.86 20.73 14.05
CA ILE B 224 9.31 19.36 13.85
C ILE B 224 10.71 19.24 14.41
N THR B 225 10.99 18.20 15.20
CA THR B 225 12.31 18.05 15.76
C THR B 225 13.18 17.20 14.86
N HIS B 226 12.63 16.10 14.34
CA HIS B 226 13.36 15.16 13.48
C HIS B 226 12.56 14.90 12.21
N SER B 227 12.99 15.50 11.11
CA SER B 227 12.34 15.33 9.83
C SER B 227 12.85 14.08 9.13
N LEU B 228 12.02 13.03 9.02
CA LEU B 228 12.48 11.74 8.50
C LEU B 228 12.03 11.44 7.09
N CYS B 229 12.94 11.38 6.12
CA CYS B 229 12.57 11.05 4.74
C CYS B 229 13.45 9.95 4.17
N THR B 230 13.30 9.59 2.89
CA THR B 230 14.12 8.53 2.32
C THR B 230 15.45 9.00 1.75
N LEU B 231 16.30 8.04 1.41
CA LEU B 231 17.68 8.27 1.00
C LEU B 231 17.94 9.16 -0.20
N GLU B 232 16.98 9.38 -1.12
CA GLU B 232 17.25 10.25 -2.27
C GLU B 232 17.29 11.73 -1.87
N PHE B 233 16.99 12.05 -0.61
CA PHE B 233 17.01 13.43 -0.15
C PHE B 233 18.26 13.78 0.63
N GLN B 234 19.26 12.89 0.68
CA GLN B 234 20.50 13.16 1.40
C GLN B 234 21.23 14.36 0.83
N ASP B 235 21.28 14.50 -0.51
CA ASP B 235 21.89 15.68 -1.11
C ASP B 235 21.08 16.92 -0.82
N ASN B 236 19.74 16.79 -0.91
CA ASN B 236 18.80 17.88 -0.68
C ASN B 236 18.85 18.48 0.71
N ARG B 237 19.40 17.72 1.68
CA ARG B 237 19.57 18.17 3.05
C ARG B 237 20.44 19.41 3.13
N ARG B 238 21.37 19.58 2.18
CA ARG B 238 22.26 20.72 2.14
C ARG B 238 21.51 22.00 1.80
N LEU B 239 20.44 21.88 1.01
CA LEU B 239 19.62 23.03 0.68
C LEU B 239 18.60 23.27 1.78
N TYR B 240 18.14 22.20 2.44
CA TYR B 240 17.24 22.28 3.57
C TYR B 240 17.90 23.13 4.65
N ASP B 241 19.19 22.92 4.90
CA ASP B 241 19.91 23.67 5.90
C ASP B 241 20.29 25.06 5.45
N TRP B 242 20.64 25.26 4.16
CA TRP B 242 20.95 26.59 3.66
C TRP B 242 19.74 27.52 3.78
N VAL B 243 18.52 27.05 3.45
CA VAL B 243 17.33 27.88 3.54
C VAL B 243 17.10 28.31 4.98
N LEU B 244 17.14 27.37 5.93
CA LEU B 244 16.92 27.70 7.33
C LEU B 244 18.03 28.52 7.96
N ASP B 245 19.25 28.48 7.42
CA ASP B 245 20.33 29.29 7.95
C ASP B 245 20.31 30.71 7.40
N ASN B 246 19.52 30.96 6.34
CA ASN B 246 19.48 32.28 5.73
C ASN B 246 18.18 33.05 5.88
N ILE B 247 17.18 32.53 6.62
CA ILE B 247 15.95 33.27 6.88
C ILE B 247 15.77 33.48 8.37
N THR B 248 14.88 34.39 8.79
CA THR B 248 14.62 34.62 10.19
C THR B 248 13.57 33.61 10.65
N ILE B 249 14.08 32.45 11.09
CA ILE B 249 13.27 31.36 11.62
C ILE B 249 13.96 30.95 12.94
N PRO B 250 13.21 30.72 14.03
CA PRO B 250 13.83 30.38 15.31
C PRO B 250 14.29 28.96 15.57
N VAL B 251 13.88 27.98 14.76
CA VAL B 251 14.33 26.61 14.98
C VAL B 251 14.91 26.04 13.70
N HIS B 252 15.69 24.97 13.84
CA HIS B 252 16.28 24.30 12.71
C HIS B 252 16.07 22.79 12.84
N PRO B 253 15.01 22.23 12.24
CA PRO B 253 14.76 20.79 12.31
C PRO B 253 15.89 20.03 11.63
N ARG B 254 16.18 18.81 12.07
CA ARG B 254 17.24 18.04 11.43
C ARG B 254 16.66 16.90 10.60
N GLN B 255 17.16 16.75 9.37
CA GLN B 255 16.68 15.70 8.49
C GLN B 255 17.50 14.43 8.65
N TYR B 256 16.83 13.28 8.74
CA TYR B 256 17.50 11.99 8.81
C TYR B 256 16.86 11.08 7.80
N GLU B 257 17.68 10.38 7.03
CA GLU B 257 17.19 9.57 5.94
C GLU B 257 17.32 8.09 6.18
N PHE B 258 16.28 7.34 5.78
CA PHE B 258 16.31 5.89 5.86
C PHE B 258 16.04 5.31 4.48
N SER B 259 16.36 4.03 4.23
CA SER B 259 16.13 3.45 2.90
C SER B 259 14.68 3.09 2.69
N ARG B 260 14.23 3.18 1.44
CA ARG B 260 12.85 2.89 1.09
C ARG B 260 12.57 1.39 0.96
N LEU B 261 11.29 1.04 1.06
CA LEU B 261 10.82 -0.32 0.89
C LEU B 261 10.61 -0.61 -0.59
N ASN B 262 11.19 -1.72 -1.03
CA ASN B 262 10.92 -2.25 -2.35
C ASN B 262 10.37 -3.63 -2.08
N LEU B 263 9.24 -3.97 -2.68
CA LEU B 263 8.68 -5.31 -2.49
C LEU B 263 8.85 -6.07 -3.77
N GLU B 264 9.14 -7.34 -3.59
CA GLU B 264 9.33 -8.27 -4.69
C GLU B 264 8.03 -8.49 -5.46
N TYR B 265 8.13 -8.62 -6.79
CA TYR B 265 7.01 -8.80 -7.72
C TYR B 265 6.03 -7.66 -7.83
N THR B 266 6.41 -6.45 -7.40
CA THR B 266 5.53 -5.31 -7.53
C THR B 266 6.26 -3.98 -7.64
N VAL B 267 5.57 -2.99 -8.22
CA VAL B 267 6.07 -1.63 -8.37
C VAL B 267 5.46 -0.69 -7.33
N MET B 268 6.31 0.14 -6.69
CA MET B 268 5.87 1.15 -5.74
C MET B 268 5.61 2.49 -6.41
N SER B 269 6.33 2.77 -7.49
CA SER B 269 6.27 4.06 -8.20
C SER B 269 4.87 4.53 -8.52
N LYS B 270 4.46 5.69 -7.99
CA LYS B 270 3.12 6.19 -8.27
C LYS B 270 2.87 6.52 -9.73
N ARG B 271 3.94 6.77 -10.51
CA ARG B 271 3.82 6.99 -11.93
C ARG B 271 3.39 5.69 -12.62
N LYS B 272 3.95 4.57 -12.14
CA LYS B 272 3.64 3.26 -12.70
C LYS B 272 2.30 2.73 -12.20
N LEU B 273 1.96 2.96 -10.92
CA LEU B 273 0.68 2.55 -10.35
C LEU B 273 -0.47 3.30 -11.00
N ASN B 274 -0.23 4.57 -11.34
CA ASN B 274 -1.22 5.38 -12.01
C ASN B 274 -1.40 4.89 -13.44
N LEU B 275 -0.37 4.33 -14.08
CA LEU B 275 -0.53 3.82 -15.43
C LEU B 275 -1.35 2.53 -15.42
N LEU B 276 -1.18 1.70 -14.37
CA LEU B 276 -1.98 0.49 -14.21
C LEU B 276 -3.45 0.82 -14.03
N VAL B 277 -3.75 1.96 -13.37
CA VAL B 277 -5.13 2.39 -13.15
C VAL B 277 -5.70 3.03 -14.40
N THR B 278 -4.95 3.97 -15.00
CA THR B 278 -5.37 4.75 -16.16
C THR B 278 -5.61 3.87 -17.38
N ASP B 279 -4.66 2.96 -17.68
CA ASP B 279 -4.82 2.05 -18.80
C ASP B 279 -5.71 0.85 -18.53
N LYS B 280 -6.40 0.86 -17.38
CA LYS B 280 -7.39 -0.11 -16.98
C LYS B 280 -6.88 -1.55 -16.89
N HIS B 281 -5.61 -1.75 -16.50
CA HIS B 281 -5.09 -3.11 -16.33
C HIS B 281 -5.42 -3.68 -14.94
N VAL B 282 -5.87 -2.80 -14.03
CA VAL B 282 -6.45 -3.18 -12.75
C VAL B 282 -7.76 -2.41 -12.58
N GLU B 283 -8.66 -2.84 -11.70
CA GLU B 283 -9.95 -2.20 -11.53
C GLU B 283 -9.90 -0.75 -11.09
N GLY B 284 -8.92 -0.44 -10.24
CA GLY B 284 -8.72 0.90 -9.74
C GLY B 284 -7.57 0.88 -8.75
N TRP B 285 -7.34 1.99 -8.04
CA TRP B 285 -6.27 2.07 -7.06
C TRP B 285 -6.41 1.06 -5.92
N ASP B 286 -7.64 0.66 -5.58
CA ASP B 286 -7.82 -0.31 -4.52
C ASP B 286 -8.12 -1.70 -5.00
N ASP B 287 -7.65 -2.05 -6.20
CA ASP B 287 -7.78 -3.41 -6.71
C ASP B 287 -7.00 -4.34 -5.79
N PRO B 288 -7.48 -5.56 -5.50
CA PRO B 288 -6.76 -6.47 -4.60
C PRO B 288 -5.34 -6.87 -4.99
N ARG B 289 -4.94 -6.70 -6.26
CA ARG B 289 -3.56 -6.99 -6.67
C ARG B 289 -2.64 -5.80 -6.50
N MET B 290 -3.17 -4.63 -6.13
CA MET B 290 -2.36 -3.42 -5.95
C MET B 290 -1.66 -3.39 -4.60
N PRO B 291 -0.43 -2.84 -4.54
CA PRO B 291 0.31 -2.75 -3.27
C PRO B 291 -0.14 -1.55 -2.42
N THR B 292 -1.18 -0.83 -2.86
CA THR B 292 -1.72 0.29 -2.12
C THR B 292 -2.35 -0.17 -0.82
N ILE B 293 -2.45 0.71 0.19
CA ILE B 293 -3.05 0.33 1.46
C ILE B 293 -4.51 -0.06 1.26
N SER B 294 -5.28 0.67 0.45
CA SER B 294 -6.68 0.37 0.21
C SER B 294 -6.87 -0.92 -0.57
N GLY B 295 -5.91 -1.23 -1.45
CA GLY B 295 -5.89 -2.48 -2.20
C GLY B 295 -5.62 -3.66 -1.29
N LEU B 296 -4.67 -3.51 -0.36
CA LEU B 296 -4.35 -4.53 0.62
C LEU B 296 -5.50 -4.74 1.60
N ARG B 297 -6.25 -3.68 1.93
CA ARG B 297 -7.40 -3.79 2.82
C ARG B 297 -8.50 -4.59 2.15
N ARG B 298 -8.78 -4.31 0.88
CA ARG B 298 -9.81 -5.01 0.12
C ARG B 298 -9.43 -6.46 -0.18
N ARG B 299 -8.12 -6.74 -0.23
CA ARG B 299 -7.59 -8.08 -0.40
C ARG B 299 -7.86 -8.93 0.84
N GLY B 300 -7.85 -8.30 2.03
CA GLY B 300 -8.12 -9.01 3.28
C GLY B 300 -7.07 -8.78 4.35
N TYR B 301 -6.07 -7.94 4.06
CA TYR B 301 -5.04 -7.61 5.04
C TYR B 301 -5.61 -6.74 6.13
N THR B 302 -5.21 -7.06 7.36
CA THR B 302 -5.60 -6.28 8.51
C THR B 302 -4.57 -5.18 8.75
N ALA B 303 -4.95 -4.07 9.38
CA ALA B 303 -4.01 -3.02 9.73
C ALA B 303 -2.89 -3.54 10.62
N ALA B 304 -3.22 -4.48 11.51
CA ALA B 304 -2.26 -5.05 12.43
C ALA B 304 -1.21 -5.90 11.75
N SER B 305 -1.55 -6.55 10.64
CA SER B 305 -0.57 -7.35 9.92
C SER B 305 0.43 -6.46 9.18
N ILE B 306 -0.03 -5.27 8.74
CA ILE B 306 0.84 -4.30 8.07
C ILE B 306 1.75 -3.59 9.09
N ARG B 307 1.27 -3.33 10.32
CA ARG B 307 2.12 -2.76 11.34
C ARG B 307 3.17 -3.76 11.79
N GLU B 308 2.85 -5.06 11.75
CA GLU B 308 3.78 -6.10 12.12
C GLU B 308 4.83 -6.27 11.05
N PHE B 309 4.43 -6.07 9.78
CA PHE B 309 5.37 -6.14 8.68
C PHE B 309 6.40 -5.01 8.78
N CYS B 310 5.96 -3.78 9.08
CA CYS B 310 6.87 -2.65 9.24
C CYS B 310 7.84 -2.84 10.41
N LYS B 311 7.36 -3.48 11.48
CA LYS B 311 8.19 -3.80 12.64
C LYS B 311 9.25 -4.82 12.27
N ARG B 312 8.91 -5.80 11.42
CA ARG B 312 9.85 -6.85 11.03
C ARG B 312 10.91 -6.44 10.03
N ILE B 313 10.59 -5.59 9.04
CA ILE B 313 11.60 -5.22 8.05
C ILE B 313 12.66 -4.25 8.56
N GLY B 314 12.35 -3.48 9.60
CA GLY B 314 13.32 -2.56 10.20
C GLY B 314 13.53 -1.24 9.48
N VAL B 315 14.33 -0.37 10.08
CA VAL B 315 14.67 0.93 9.55
C VAL B 315 16.19 1.05 9.54
N THR B 316 16.78 1.03 8.36
CA THR B 316 18.22 1.10 8.19
C THR B 316 18.54 2.05 7.04
N LYS B 317 19.79 2.06 6.57
CA LYS B 317 20.17 2.83 5.41
C LYS B 317 20.53 1.94 4.24
N GLN B 318 20.31 0.63 4.39
CA GLN B 318 20.65 -0.34 3.37
C GLN B 318 19.58 -0.45 2.29
N ASP B 319 19.93 -0.37 1.01
CA ASP B 319 18.95 -0.63 -0.04
C ASP B 319 18.49 -2.07 0.08
N ASN B 320 17.20 -2.29 -0.03
CA ASN B 320 16.65 -3.60 0.26
C ASN B 320 15.48 -3.94 -0.63
N THR B 321 15.18 -5.23 -0.72
CA THR B 321 14.01 -5.70 -1.43
C THR B 321 13.49 -6.91 -0.68
N ILE B 322 12.39 -6.69 0.02
CA ILE B 322 11.75 -7.73 0.80
C ILE B 322 11.02 -8.69 -0.11
N GLU B 323 11.05 -9.98 0.26
CA GLU B 323 10.33 -11.01 -0.46
C GLU B 323 8.86 -11.02 -0.08
N MET B 324 7.95 -11.34 -1.02
CA MET B 324 6.53 -11.44 -0.73
C MET B 324 6.23 -12.44 0.39
N ALA B 325 7.09 -13.44 0.59
CA ALA B 325 6.92 -14.43 1.65
C ALA B 325 6.91 -13.83 3.05
N SER B 326 7.61 -12.70 3.21
CA SER B 326 7.66 -11.98 4.47
C SER B 326 6.34 -11.27 4.77
N LEU B 327 5.72 -10.67 3.74
CA LEU B 327 4.43 -10.00 3.89
C LEU B 327 3.34 -11.01 4.21
N GLU B 328 3.29 -12.10 3.43
CA GLU B 328 2.30 -13.16 3.58
C GLU B 328 2.37 -13.86 4.92
N SER B 329 3.58 -13.98 5.48
CA SER B 329 3.78 -14.55 6.79
C SER B 329 3.07 -13.71 7.85
N CYS B 330 3.07 -12.38 7.69
CA CYS B 330 2.42 -11.50 8.63
C CYS B 330 0.91 -11.67 8.69
N ILE B 331 0.24 -11.73 7.53
CA ILE B 331 -1.20 -11.89 7.54
C ILE B 331 -1.63 -13.31 7.86
N ARG B 332 -0.84 -14.34 7.50
CA ARG B 332 -1.16 -15.71 7.87
C ARG B 332 -1.12 -15.89 9.37
N GLU B 333 -0.18 -15.23 10.06
CA GLU B 333 -0.05 -15.32 11.51
C GLU B 333 -1.25 -14.74 12.23
N ASP B 334 -1.69 -13.55 11.80
CA ASP B 334 -2.83 -12.86 12.39
C ASP B 334 -4.13 -13.64 12.17
N LEU B 335 -4.39 -14.00 10.92
CA LEU B 335 -5.61 -14.68 10.54
C LEU B 335 -5.68 -16.13 10.97
N ASN B 336 -4.53 -16.78 11.18
CA ASN B 336 -4.52 -18.14 11.72
C ASN B 336 -5.07 -18.11 13.14
N GLU B 337 -4.82 -17.00 13.84
CA GLU B 337 -5.31 -16.79 15.19
C GLU B 337 -6.77 -16.39 15.25
N ASN B 338 -7.17 -15.42 14.44
CA ASN B 338 -8.48 -14.81 14.61
C ASN B 338 -9.58 -15.21 13.65
N ALA B 339 -9.25 -15.80 12.50
CA ALA B 339 -10.27 -16.11 11.51
C ALA B 339 -11.01 -17.41 11.75
N PRO B 340 -12.36 -17.34 11.81
CA PRO B 340 -13.15 -18.54 12.02
C PRO B 340 -13.25 -19.37 10.74
N ARG B 341 -13.04 -20.67 10.91
CA ARG B 341 -13.06 -21.62 9.82
C ARG B 341 -14.42 -21.90 9.20
N ALA B 342 -14.38 -22.24 7.91
CA ALA B 342 -15.58 -22.55 7.15
C ALA B 342 -15.25 -23.48 5.99
N MET B 343 -16.29 -24.01 5.35
CA MET B 343 -16.12 -24.96 4.25
C MET B 343 -16.54 -24.33 2.95
N ALA B 344 -15.67 -24.42 1.95
CA ALA B 344 -15.99 -23.97 0.60
C ALA B 344 -15.19 -24.76 -0.41
N VAL B 345 -15.86 -25.13 -1.51
CA VAL B 345 -15.23 -25.86 -2.60
C VAL B 345 -15.11 -24.92 -3.80
N ILE B 346 -13.87 -24.69 -4.24
CA ILE B 346 -13.57 -23.75 -5.31
C ILE B 346 -13.79 -24.35 -6.70
N ASP B 347 -13.42 -25.61 -6.87
CA ASP B 347 -13.64 -26.32 -8.12
C ASP B 347 -14.39 -27.62 -7.79
N PRO B 348 -15.73 -27.57 -7.79
CA PRO B 348 -16.51 -28.75 -7.44
C PRO B 348 -16.77 -29.86 -8.46
N VAL B 349 -16.89 -31.07 -7.90
CA VAL B 349 -17.33 -32.26 -8.63
C VAL B 349 -18.29 -32.99 -7.68
N LYS B 350 -19.41 -33.48 -8.22
CA LYS B 350 -20.42 -34.10 -7.37
C LYS B 350 -20.02 -35.47 -6.86
N LEU B 351 -20.36 -35.71 -5.60
CA LEU B 351 -20.10 -36.97 -4.96
C LEU B 351 -21.39 -37.44 -4.30
N VAL B 352 -22.05 -38.43 -4.89
CA VAL B 352 -23.24 -38.98 -4.27
C VAL B 352 -22.85 -40.15 -3.39
N ILE B 353 -23.53 -40.32 -2.27
CA ILE B 353 -23.29 -41.45 -1.39
C ILE B 353 -24.53 -42.28 -1.57
N GLU B 354 -24.36 -43.38 -2.33
CA GLU B 354 -25.46 -44.30 -2.65
C GLU B 354 -26.03 -44.98 -1.40
N ASN B 355 -25.15 -45.20 -0.43
CA ASN B 355 -25.45 -45.80 0.85
C ASN B 355 -26.25 -44.87 1.79
N TYR B 356 -26.34 -43.57 1.50
CA TYR B 356 -26.99 -42.63 2.42
C TYR B 356 -28.51 -42.65 2.37
N GLN B 357 -29.09 -42.69 3.58
CA GLN B 357 -30.53 -42.74 3.76
C GLN B 357 -31.06 -41.52 4.50
N GLY B 358 -32.06 -40.88 3.90
CA GLY B 358 -32.69 -39.70 4.49
C GLY B 358 -32.55 -38.49 3.60
N GLU B 359 -32.91 -37.31 4.12
CA GLU B 359 -32.74 -36.09 3.34
C GLU B 359 -31.61 -35.23 3.89
N GLY B 360 -30.97 -35.72 4.95
CA GLY B 360 -29.85 -35.03 5.53
C GLY B 360 -29.89 -35.05 7.05
N GLU B 361 -28.77 -34.61 7.63
CA GLU B 361 -28.64 -34.47 9.07
C GLU B 361 -27.82 -33.21 9.37
N MET B 362 -27.48 -32.98 10.63
CA MET B 362 -26.77 -31.77 11.02
C MET B 362 -25.57 -32.15 11.86
N VAL B 363 -24.37 -31.86 11.35
CA VAL B 363 -23.11 -32.18 12.03
C VAL B 363 -22.54 -30.96 12.74
N THR B 364 -21.84 -31.14 13.87
CA THR B 364 -21.22 -30.02 14.58
C THR B 364 -19.80 -29.78 14.12
N MET B 365 -19.51 -28.54 13.71
CA MET B 365 -18.16 -28.18 13.30
C MET B 365 -17.59 -27.04 14.13
N PRO B 366 -16.28 -27.07 14.39
CA PRO B 366 -15.63 -26.03 15.17
C PRO B 366 -15.38 -24.77 14.36
N ASN B 367 -15.69 -23.61 14.96
CA ASN B 367 -15.33 -22.33 14.36
C ASN B 367 -13.83 -22.10 14.41
N HIS B 368 -13.11 -22.82 15.29
CA HIS B 368 -11.66 -22.80 15.31
C HIS B 368 -11.16 -24.10 15.93
N PRO B 369 -10.52 -24.99 15.15
CA PRO B 369 -10.03 -26.27 15.64
C PRO B 369 -9.14 -26.26 16.87
N ASN B 370 -8.30 -25.25 17.05
CA ASN B 370 -7.41 -25.22 18.20
C ASN B 370 -7.85 -24.23 19.28
N LYS B 371 -9.06 -23.67 19.16
CA LYS B 371 -9.60 -22.75 20.16
C LYS B 371 -11.08 -23.02 20.39
N PRO B 372 -11.43 -23.85 21.39
CA PRO B 372 -12.84 -24.15 21.69
C PRO B 372 -13.70 -22.97 22.14
N GLU B 373 -13.04 -21.89 22.60
CA GLU B 373 -13.73 -20.70 23.08
C GLU B 373 -14.36 -19.87 21.98
N MET B 374 -13.99 -20.08 20.71
CA MET B 374 -14.62 -19.38 19.61
C MET B 374 -15.97 -19.98 19.24
N GLY B 375 -16.33 -21.09 19.89
CA GLY B 375 -17.62 -21.73 19.71
C GLY B 375 -17.65 -22.73 18.57
N SER B 376 -18.88 -23.03 18.14
CA SER B 376 -19.12 -23.96 17.07
C SER B 376 -20.40 -23.61 16.34
N ARG B 377 -20.69 -24.35 15.27
CA ARG B 377 -21.94 -24.18 14.57
C ARG B 377 -22.39 -25.48 13.94
N GLN B 378 -23.69 -25.54 13.66
CA GLN B 378 -24.29 -26.71 13.06
C GLN B 378 -24.25 -26.56 11.55
N VAL B 379 -23.69 -27.56 10.87
CA VAL B 379 -23.51 -27.58 9.42
C VAL B 379 -24.23 -28.79 8.85
N PRO B 380 -25.03 -28.62 7.79
CA PRO B 380 -25.76 -29.76 7.19
C PRO B 380 -24.96 -30.76 6.35
N PHE B 381 -25.22 -32.05 6.62
CA PHE B 381 -24.64 -33.14 5.86
C PHE B 381 -25.73 -33.78 5.00
N SER B 382 -25.35 -34.33 3.86
CA SER B 382 -26.29 -34.95 2.95
C SER B 382 -25.64 -36.10 2.20
N GLY B 383 -26.43 -36.77 1.35
CA GLY B 383 -25.95 -37.86 0.51
C GLY B 383 -25.25 -37.33 -0.72
N GLU B 384 -25.76 -36.24 -1.30
CA GLU B 384 -25.08 -35.61 -2.41
C GLU B 384 -24.30 -34.40 -1.93
N ILE B 385 -22.99 -34.56 -1.84
CA ILE B 385 -22.12 -33.46 -1.46
C ILE B 385 -21.26 -32.98 -2.63
N TRP B 386 -20.49 -31.93 -2.40
CA TRP B 386 -19.57 -31.41 -3.38
C TRP B 386 -18.18 -31.52 -2.79
N ILE B 387 -17.24 -32.06 -3.55
CA ILE B 387 -15.84 -32.00 -3.14
C ILE B 387 -15.03 -31.35 -4.26
N ASP B 388 -13.79 -31.00 -3.98
CA ASP B 388 -12.92 -30.40 -4.98
C ASP B 388 -12.34 -31.48 -5.89
N ARG B 389 -12.22 -31.18 -7.20
CA ARG B 389 -11.68 -32.13 -8.17
C ARG B 389 -10.30 -32.64 -7.79
N ALA B 390 -9.46 -31.74 -7.27
CA ALA B 390 -8.11 -32.08 -6.86
C ALA B 390 -8.04 -33.04 -5.68
N ASP B 391 -9.19 -33.39 -5.08
CA ASP B 391 -9.20 -34.31 -3.98
C ASP B 391 -9.61 -35.72 -4.34
N PHE B 392 -10.12 -35.92 -5.56
CA PHE B 392 -10.37 -37.27 -6.03
C PHE B 392 -9.36 -37.61 -7.12
N ARG B 393 -8.52 -38.59 -6.80
CA ARG B 393 -7.60 -39.11 -7.77
C ARG B 393 -7.91 -40.58 -8.01
N GLU B 394 -8.28 -40.85 -9.26
CA GLU B 394 -8.60 -42.18 -9.76
C GLU B 394 -7.46 -43.16 -9.57
N GLU B 395 -6.24 -42.69 -9.82
CA GLU B 395 -5.02 -43.46 -9.64
C GLU B 395 -3.97 -42.63 -8.93
N ALA B 396 -3.45 -43.09 -7.79
CA ALA B 396 -2.48 -42.30 -7.04
C ALA B 396 -1.57 -43.07 -6.09
N ASN B 397 -0.36 -42.53 -5.94
CA ASN B 397 0.68 -43.09 -5.08
C ASN B 397 0.41 -43.00 -3.57
N LYS B 398 1.39 -43.42 -2.76
CA LYS B 398 1.24 -43.47 -1.31
C LYS B 398 1.25 -42.10 -0.63
N GLN B 399 1.92 -41.10 -1.23
CA GLN B 399 1.98 -39.76 -0.65
C GLN B 399 0.62 -39.09 -0.62
N TYR B 400 -0.12 -39.24 -1.72
CA TYR B 400 -1.48 -38.72 -1.84
C TYR B 400 -2.37 -39.36 -0.79
N LYS B 401 -2.87 -38.53 0.14
CA LYS B 401 -3.67 -39.03 1.25
C LYS B 401 -5.17 -38.75 1.14
N ARG B 402 -5.58 -38.20 -0.01
CA ARG B 402 -6.97 -37.86 -0.27
C ARG B 402 -7.73 -39.00 -0.94
N LEU B 403 -8.93 -38.76 -1.50
CA LEU B 403 -9.78 -39.84 -2.01
C LEU B 403 -9.34 -40.51 -3.30
N VAL B 404 -9.03 -41.80 -3.17
CA VAL B 404 -8.63 -42.62 -4.30
C VAL B 404 -9.76 -43.61 -4.62
N LEU B 405 -9.97 -43.93 -5.91
CA LEU B 405 -11.03 -44.83 -6.37
C LEU B 405 -11.08 -46.20 -5.68
N GLY B 406 -10.01 -46.57 -5.00
CA GLY B 406 -10.02 -47.78 -4.22
C GLY B 406 -10.48 -47.53 -2.79
N LYS B 407 -9.79 -46.63 -2.06
CA LYS B 407 -9.96 -46.52 -0.60
C LYS B 407 -10.87 -45.43 0.00
N GLU B 408 -10.80 -45.28 1.33
CA GLU B 408 -11.54 -44.33 2.14
C GLU B 408 -10.86 -42.99 2.37
N VAL B 409 -11.67 -42.00 2.78
CA VAL B 409 -11.21 -40.71 3.30
C VAL B 409 -12.15 -40.21 4.37
N ARG B 410 -11.63 -39.37 5.26
CA ARG B 410 -12.48 -38.73 6.23
C ARG B 410 -13.03 -37.44 5.64
N LEU B 411 -14.35 -37.24 5.70
CA LEU B 411 -14.92 -35.95 5.36
C LEU B 411 -14.73 -35.06 6.58
N ARG B 412 -14.44 -33.77 6.37
CA ARG B 412 -14.13 -32.87 7.47
C ARG B 412 -15.28 -32.76 8.44
N ASN B 413 -14.98 -33.18 9.68
CA ASN B 413 -15.91 -33.21 10.78
C ASN B 413 -17.12 -34.11 10.58
N ALA B 414 -17.07 -35.02 9.61
CA ALA B 414 -18.19 -35.89 9.32
C ALA B 414 -17.81 -37.36 9.16
N TYR B 415 -18.27 -38.04 8.11
CA TYR B 415 -18.11 -39.48 7.95
C TYR B 415 -16.95 -39.92 7.08
N VAL B 416 -16.45 -41.13 7.35
CA VAL B 416 -15.48 -41.75 6.46
C VAL B 416 -16.25 -42.38 5.30
N ILE B 417 -16.15 -41.79 4.13
CA ILE B 417 -16.77 -42.35 2.94
C ILE B 417 -15.79 -43.29 2.25
N LYS B 418 -16.15 -43.85 1.09
CA LYS B 418 -15.27 -44.77 0.38
C LYS B 418 -15.58 -44.76 -1.11
N ALA B 419 -14.58 -44.42 -1.94
CA ALA B 419 -14.78 -44.42 -3.38
C ALA B 419 -15.03 -45.81 -3.92
N GLU B 420 -15.99 -45.90 -4.84
CA GLU B 420 -16.47 -47.17 -5.34
C GLU B 420 -16.53 -47.21 -6.85
N ARG B 421 -17.15 -46.20 -7.45
CA ARG B 421 -17.38 -46.16 -8.87
C ARG B 421 -17.40 -44.73 -9.35
N VAL B 422 -16.57 -44.37 -10.35
CA VAL B 422 -16.66 -43.03 -10.89
C VAL B 422 -17.57 -43.07 -12.12
N GLU B 423 -18.04 -41.92 -12.56
CA GLU B 423 -18.88 -41.86 -13.73
C GLU B 423 -18.42 -40.68 -14.56
N LYS B 424 -17.89 -41.00 -15.74
CA LYS B 424 -17.44 -39.97 -16.66
C LYS B 424 -18.58 -39.44 -17.52
N ASP B 425 -18.28 -38.70 -18.58
CA ASP B 425 -19.33 -38.03 -19.34
C ASP B 425 -19.41 -38.36 -20.81
N ALA B 426 -18.27 -38.22 -21.50
CA ALA B 426 -18.14 -38.35 -22.94
C ALA B 426 -16.73 -37.93 -23.35
N GLU B 427 -16.25 -36.84 -22.72
CA GLU B 427 -14.96 -36.26 -23.01
C GLU B 427 -13.88 -36.66 -22.00
N GLY B 428 -13.99 -37.88 -21.43
CA GLY B 428 -13.01 -38.40 -20.48
C GLY B 428 -13.01 -37.77 -19.10
N ASN B 429 -13.74 -36.67 -18.90
CA ASN B 429 -13.81 -35.99 -17.61
C ASN B 429 -14.79 -36.65 -16.65
N ILE B 430 -14.56 -36.47 -15.35
CA ILE B 430 -15.47 -37.01 -14.34
C ILE B 430 -16.63 -36.07 -14.09
N THR B 431 -17.84 -36.62 -13.92
CA THR B 431 -19.01 -35.82 -13.57
C THR B 431 -19.52 -36.12 -12.18
N THR B 432 -19.49 -37.39 -11.76
CA THR B 432 -19.95 -37.76 -10.43
C THR B 432 -19.25 -39.00 -9.93
N ILE B 433 -18.82 -38.90 -8.67
CA ILE B 433 -18.17 -39.98 -7.95
C ILE B 433 -19.23 -40.67 -7.12
N PHE B 434 -19.13 -42.00 -7.00
CA PHE B 434 -20.10 -42.78 -6.25
C PHE B 434 -19.39 -43.45 -5.11
N CYS B 435 -19.85 -43.14 -3.90
CA CYS B 435 -19.21 -43.60 -2.70
C CYS B 435 -20.19 -44.30 -1.76
N THR B 436 -19.64 -44.92 -0.71
CA THR B 436 -20.43 -45.52 0.33
C THR B 436 -19.87 -45.07 1.66
N TYR B 437 -20.73 -44.60 2.56
CA TYR B 437 -20.25 -44.13 3.84
C TYR B 437 -20.39 -45.21 4.92
N ASP B 438 -19.67 -45.02 6.02
CA ASP B 438 -19.76 -45.91 7.16
C ASP B 438 -20.56 -45.15 8.20
N ALA B 439 -21.77 -45.64 8.51
CA ALA B 439 -22.70 -45.01 9.46
C ALA B 439 -22.10 -44.65 10.81
N ASP B 440 -21.07 -45.38 11.24
CA ASP B 440 -20.31 -44.94 12.39
C ASP B 440 -18.86 -44.81 12.01
N THR B 441 -18.39 -43.58 12.14
CA THR B 441 -17.02 -43.18 11.96
C THR B 441 -16.91 -41.78 12.55
N LEU B 442 -17.47 -41.62 13.76
CA LEU B 442 -17.51 -40.39 14.54
C LEU B 442 -18.24 -40.60 15.85
N GLY B 454 -6.14 -39.35 4.86
CA GLY B 454 -6.31 -37.94 5.18
C GLY B 454 -7.76 -37.48 5.21
N VAL B 455 -7.92 -36.16 5.34
CA VAL B 455 -9.23 -35.53 5.40
C VAL B 455 -9.45 -34.66 4.18
N ILE B 456 -10.68 -34.55 3.68
CA ILE B 456 -11.00 -33.56 2.65
C ILE B 456 -12.20 -32.72 3.08
N HIS B 457 -12.29 -31.49 2.58
CA HIS B 457 -13.41 -30.62 2.90
C HIS B 457 -14.55 -30.81 1.90
N TRP B 458 -15.77 -30.45 2.28
CA TRP B 458 -16.95 -30.75 1.47
C TRP B 458 -18.06 -29.74 1.71
N VAL B 459 -19.04 -29.70 0.79
CA VAL B 459 -20.21 -28.85 0.96
C VAL B 459 -21.43 -29.64 0.48
N SER B 460 -22.44 -29.85 1.34
CA SER B 460 -23.68 -30.49 0.92
C SER B 460 -24.36 -29.74 -0.22
N ALA B 461 -24.58 -30.42 -1.35
CA ALA B 461 -25.16 -29.81 -2.55
C ALA B 461 -26.54 -29.21 -2.36
N ALA B 462 -27.38 -29.86 -1.54
CA ALA B 462 -28.73 -29.36 -1.29
C ALA B 462 -28.76 -28.06 -0.49
N HIS B 463 -27.76 -27.88 0.37
CA HIS B 463 -27.68 -26.72 1.23
C HIS B 463 -26.64 -25.69 0.77
N ALA B 464 -25.93 -25.99 -0.33
CA ALA B 464 -24.86 -25.16 -0.83
C ALA B 464 -25.25 -23.78 -1.35
N LEU B 465 -24.50 -22.80 -0.87
CA LEU B 465 -24.62 -21.42 -1.31
C LEU B 465 -23.72 -21.19 -2.51
N PRO B 466 -24.24 -20.72 -3.66
CA PRO B 466 -23.39 -20.45 -4.82
C PRO B 466 -22.54 -19.23 -4.55
N VAL B 467 -21.23 -19.39 -4.74
CA VAL B 467 -20.27 -18.36 -4.36
C VAL B 467 -19.23 -18.11 -5.44
N GLU B 468 -18.91 -16.86 -5.74
CA GLU B 468 -17.86 -16.54 -6.69
C GLU B 468 -16.55 -16.34 -5.95
N ILE B 469 -15.53 -17.13 -6.25
CA ILE B 469 -14.23 -17.01 -5.59
C ILE B 469 -13.18 -16.39 -6.50
N ARG B 470 -12.50 -15.35 -6.03
CA ARG B 470 -11.47 -14.69 -6.81
C ARG B 470 -10.10 -15.03 -6.24
N LEU B 471 -9.37 -15.84 -7.00
CA LEU B 471 -8.05 -16.27 -6.59
C LEU B 471 -6.98 -15.36 -7.17
N TYR B 472 -6.34 -14.61 -6.28
CA TYR B 472 -5.32 -13.65 -6.67
C TYR B 472 -3.93 -14.21 -6.59
N ASP B 473 -3.06 -13.71 -7.47
CA ASP B 473 -1.64 -14.07 -7.45
C ASP B 473 -0.81 -12.80 -7.70
N ARG B 474 0.54 -12.88 -7.71
CA ARG B 474 1.32 -11.67 -7.91
C ARG B 474 1.06 -11.02 -9.25
N LEU B 475 0.92 -9.70 -9.22
CA LEU B 475 0.58 -8.91 -10.40
C LEU B 475 1.60 -9.07 -11.51
N PHE B 476 2.87 -9.27 -11.20
CA PHE B 476 3.90 -9.39 -12.24
C PHE B 476 4.57 -10.73 -12.24
N SER B 477 5.14 -11.12 -13.37
CA SER B 477 5.77 -12.41 -13.48
C SER B 477 7.26 -12.39 -13.17
N VAL B 478 7.83 -11.22 -12.93
CA VAL B 478 9.25 -11.10 -12.59
C VAL B 478 9.45 -10.46 -11.22
N PRO B 479 10.57 -10.70 -10.53
CA PRO B 479 10.84 -10.14 -9.20
C PRO B 479 11.02 -8.64 -9.09
N ASN B 480 11.47 -8.00 -10.16
CA ASN B 480 11.64 -6.56 -10.18
C ASN B 480 11.05 -5.99 -11.46
N PRO B 481 9.73 -5.83 -11.51
CA PRO B 481 9.09 -5.28 -12.71
C PRO B 481 9.46 -3.82 -12.97
N GLY B 482 9.99 -3.14 -11.96
CA GLY B 482 10.45 -1.76 -12.10
C GLY B 482 11.67 -1.67 -13.00
N ALA B 483 12.54 -2.67 -12.94
CA ALA B 483 13.74 -2.73 -13.78
C ALA B 483 13.48 -3.13 -15.22
N ALA B 484 12.24 -3.52 -15.57
CA ALA B 484 11.92 -3.91 -16.94
C ALA B 484 11.73 -2.69 -17.82
N ASP B 485 12.02 -2.84 -19.13
CA ASP B 485 11.88 -1.76 -20.09
C ASP B 485 10.43 -1.36 -20.24
N ASP B 486 9.56 -2.37 -20.29
CA ASP B 486 8.13 -2.16 -20.29
C ASP B 486 7.59 -3.07 -19.19
N PHE B 487 7.27 -2.47 -18.04
CA PHE B 487 6.76 -3.24 -16.92
C PHE B 487 5.37 -3.81 -17.21
N LEU B 488 4.59 -3.17 -18.09
CA LEU B 488 3.26 -3.66 -18.42
C LEU B 488 3.29 -4.96 -19.18
N SER B 489 4.28 -5.15 -20.08
CA SER B 489 4.37 -6.40 -20.83
C SER B 489 4.84 -7.58 -19.98
N VAL B 490 5.20 -7.32 -18.72
CA VAL B 490 5.61 -8.37 -17.81
C VAL B 490 4.52 -8.64 -16.74
N ILE B 491 3.28 -8.15 -16.96
CA ILE B 491 2.13 -8.45 -16.10
C ILE B 491 1.80 -9.94 -16.19
N ASN B 492 1.46 -10.52 -15.05
CA ASN B 492 1.09 -11.92 -14.95
C ASN B 492 -0.34 -12.09 -15.44
N PRO B 493 -0.56 -12.90 -16.49
CA PRO B 493 -1.92 -13.10 -17.01
C PRO B 493 -2.82 -13.86 -16.05
N GLU B 494 -2.22 -14.58 -15.09
CA GLU B 494 -2.98 -15.30 -14.08
C GLU B 494 -2.94 -14.64 -12.69
N SER B 495 -2.95 -13.30 -12.64
CA SER B 495 -3.00 -12.58 -11.36
C SER B 495 -4.42 -12.52 -10.79
N LEU B 496 -5.41 -12.90 -11.61
CA LEU B 496 -6.78 -13.03 -11.17
C LEU B 496 -7.46 -14.14 -11.97
N VAL B 497 -7.83 -15.20 -11.26
CA VAL B 497 -8.59 -16.27 -11.87
C VAL B 497 -9.87 -16.44 -11.07
N ILE B 498 -10.98 -16.17 -11.77
CA ILE B 498 -12.31 -16.20 -11.19
C ILE B 498 -12.94 -17.58 -11.31
N LYS B 499 -13.36 -18.10 -10.17
CA LYS B 499 -13.98 -19.41 -10.06
C LYS B 499 -15.41 -19.34 -9.54
N GLN B 500 -16.22 -20.33 -9.86
CA GLN B 500 -17.56 -20.39 -9.32
C GLN B 500 -17.64 -21.66 -8.50
N GLY B 501 -17.70 -21.52 -7.19
CA GLY B 501 -17.76 -22.67 -6.32
C GLY B 501 -19.00 -22.65 -5.46
N PHE B 502 -18.95 -23.43 -4.38
CA PHE B 502 -20.05 -23.52 -3.45
C PHE B 502 -19.51 -23.44 -2.04
N ALA B 503 -20.19 -22.68 -1.20
CA ALA B 503 -19.82 -22.52 0.20
C ALA B 503 -20.92 -23.03 1.11
N GLU B 504 -20.59 -23.40 2.36
CA GLU B 504 -21.60 -23.84 3.31
C GLU B 504 -22.60 -22.70 3.58
N PRO B 505 -23.89 -23.00 3.82
CA PRO B 505 -24.90 -21.96 4.04
C PRO B 505 -24.67 -20.92 5.14
N SER B 506 -23.78 -21.15 6.12
CA SER B 506 -23.55 -20.18 7.19
C SER B 506 -22.86 -18.92 6.71
N LEU B 507 -22.14 -19.01 5.58
CA LEU B 507 -21.46 -17.87 4.97
C LEU B 507 -22.41 -16.88 4.32
N LYS B 508 -23.71 -17.15 4.43
CA LYS B 508 -24.76 -16.24 4.00
C LYS B 508 -24.73 -14.99 4.87
N ASP B 509 -24.31 -15.14 6.13
CA ASP B 509 -24.24 -14.01 7.04
C ASP B 509 -22.86 -13.38 7.14
N ALA B 510 -21.97 -13.68 6.19
CA ALA B 510 -20.63 -13.09 6.14
C ALA B 510 -20.70 -11.60 5.80
N VAL B 511 -19.85 -10.81 6.46
CA VAL B 511 -19.79 -9.37 6.20
C VAL B 511 -18.45 -8.98 5.62
N ALA B 512 -18.43 -7.86 4.90
CA ALA B 512 -17.20 -7.34 4.33
C ALA B 512 -16.25 -6.90 5.42
N GLY B 513 -14.97 -7.22 5.23
CA GLY B 513 -13.95 -6.91 6.22
C GLY B 513 -13.97 -7.90 7.38
N LYS B 514 -14.29 -9.16 7.07
CA LYS B 514 -14.27 -10.22 8.05
C LYS B 514 -13.64 -11.39 7.32
N ALA B 515 -12.45 -11.80 7.78
CA ALA B 515 -11.74 -12.87 7.14
C ALA B 515 -12.06 -14.23 7.72
N PHE B 516 -12.36 -15.17 6.83
CA PHE B 516 -12.62 -16.55 7.18
C PHE B 516 -11.49 -17.40 6.68
N GLN B 517 -11.22 -18.52 7.35
CA GLN B 517 -10.29 -19.47 6.79
C GLN B 517 -11.12 -20.56 6.13
N PHE B 518 -11.13 -20.63 4.80
CA PHE B 518 -11.78 -21.75 4.12
C PHE B 518 -10.81 -22.88 4.25
N GLU B 519 -11.13 -23.84 5.12
CA GLU B 519 -10.25 -24.95 5.43
C GLU B 519 -9.65 -25.66 4.23
N ARG B 520 -8.32 -25.82 4.32
CA ARG B 520 -7.46 -26.45 3.31
C ARG B 520 -7.32 -25.64 2.02
N GLU B 521 -7.77 -24.39 2.00
CA GLU B 521 -7.61 -23.53 0.83
C GLU B 521 -6.85 -22.25 1.17
N GLY B 522 -7.32 -21.49 2.16
CA GLY B 522 -6.63 -20.27 2.55
C GLY B 522 -7.53 -19.35 3.32
N TYR B 523 -7.19 -18.06 3.32
CA TYR B 523 -7.98 -17.05 3.99
C TYR B 523 -8.68 -16.22 2.94
N PHE B 524 -10.00 -16.05 3.10
CA PHE B 524 -10.83 -15.34 2.15
C PHE B 524 -11.70 -14.32 2.83
N CYS B 525 -12.14 -13.29 2.11
CA CYS B 525 -13.01 -12.27 2.69
C CYS B 525 -13.99 -11.73 1.66
N LEU B 526 -15.15 -11.28 2.12
CA LEU B 526 -16.18 -10.80 1.23
C LEU B 526 -15.75 -9.50 0.60
N ASP B 527 -15.61 -9.51 -0.73
CA ASP B 527 -15.26 -8.33 -1.49
C ASP B 527 -16.43 -7.36 -1.48
N SER B 528 -16.19 -6.15 -0.98
CA SER B 528 -17.25 -5.15 -0.93
C SER B 528 -17.14 -4.21 -2.12
N ARG B 529 -17.57 -4.75 -3.27
CA ARG B 529 -17.57 -4.06 -4.53
C ARG B 529 -18.33 -4.90 -5.55
N HIS B 530 -18.14 -6.22 -5.47
CA HIS B 530 -18.76 -7.12 -6.40
C HIS B 530 -19.82 -8.01 -5.79
N SER B 531 -19.82 -8.19 -4.47
CA SER B 531 -20.79 -9.10 -3.89
C SER B 531 -22.14 -8.48 -3.61
N THR B 532 -23.15 -9.30 -3.86
CA THR B 532 -24.54 -8.97 -3.58
C THR B 532 -25.06 -9.98 -2.57
N ALA B 533 -26.39 -10.16 -2.52
CA ALA B 533 -26.99 -11.23 -1.74
C ALA B 533 -27.32 -12.36 -2.72
N GLU B 534 -27.56 -11.97 -3.98
CA GLU B 534 -27.87 -12.89 -5.06
C GLU B 534 -26.64 -13.69 -5.50
N LYS B 535 -25.44 -13.21 -5.11
CA LYS B 535 -24.18 -13.88 -5.41
C LYS B 535 -23.04 -13.24 -4.62
N PRO B 536 -22.51 -13.92 -3.59
CA PRO B 536 -21.39 -13.39 -2.81
C PRO B 536 -20.09 -13.52 -3.62
N VAL B 537 -19.11 -12.66 -3.34
CA VAL B 537 -17.81 -12.74 -3.98
C VAL B 537 -16.76 -12.75 -2.87
N PHE B 538 -15.89 -13.76 -2.88
CA PHE B 538 -14.87 -13.90 -1.87
C PHE B 538 -13.49 -13.80 -2.47
N ASN B 539 -12.75 -12.77 -2.06
CA ASN B 539 -11.37 -12.59 -2.46
C ASN B 539 -10.50 -13.53 -1.67
N ARG B 540 -9.47 -14.11 -2.30
CA ARG B 540 -8.52 -14.87 -1.52
C ARG B 540 -7.41 -13.92 -1.11
N THR B 541 -7.34 -13.66 0.21
CA THR B 541 -6.28 -12.82 0.78
C THR B 541 -4.95 -13.49 0.56
N VAL B 542 -4.78 -14.67 1.15
CA VAL B 542 -3.56 -15.42 1.03
C VAL B 542 -3.89 -16.89 1.13
N GLY B 543 -3.19 -17.73 0.36
CA GLY B 543 -3.37 -19.17 0.45
C GLY B 543 -2.67 -19.72 1.69
N LEU B 544 -3.05 -20.93 2.08
CA LEU B 544 -2.43 -21.61 3.21
C LEU B 544 -1.02 -22.07 2.83
N ARG B 545 -0.19 -22.40 3.82
CA ARG B 545 1.16 -22.89 3.54
C ARG B 545 1.10 -24.26 2.86
N ASP B 546 1.30 -24.32 1.54
CA ASP B 546 1.20 -25.57 0.82
C ASP B 546 2.54 -26.27 0.74
N THR B 547 2.57 -27.56 1.10
CA THR B 547 3.79 -28.35 1.04
C THR B 547 3.54 -29.75 0.49
#